data_5N5C
#
_entry.id   5N5C
#
_entity_poly.entity_id   1
_entity_poly.type   'polyribonucleotide'
_entity_poly.pdbx_seq_one_letter_code
;AUUCCUUAAAUUAAGGAGU
;
_entity_poly.pdbx_strand_id   A
#
loop_
_chem_comp.id
_chem_comp.type
_chem_comp.name
_chem_comp.formula
A RNA linking ADENOSINE-5'-MONOPHOSPHATE 'C10 H14 N5 O7 P'
C RNA linking CYTIDINE-5'-MONOPHOSPHATE 'C9 H14 N3 O8 P'
G RNA linking GUANOSINE-5'-MONOPHOSPHATE 'C10 H14 N5 O8 P'
U RNA linking URIDINE-5'-MONOPHOSPHATE 'C9 H13 N2 O9 P'
#